data_8S45
#
_entry.id   8S45
#
_cell.length_a   41.750
_cell.length_b   64.710
_cell.length_c   129.040
_cell.angle_alpha   90.000
_cell.angle_beta   90.000
_cell.angle_gamma   90.000
#
_symmetry.space_group_name_H-M   'P 21 21 21'
#
loop_
_entity.id
_entity.type
_entity.pdbx_description
1 polymer 'Diadenylate cyclase'
2 non-polymer (1~{R},2~{S},3~{S},4~{R},5~{S})-2-azanyl-4-phenylsulfanyl-6,8-dioxabicyclo[3.2.1]octan-3-ol
3 water water
#
_entity_poly.entity_id   1
_entity_poly.type   'polypeptide(L)'
_entity_poly.pdbx_seq_one_letter_code
;GPLGSYGSRIEREQHHLIESIEKSTQYMAKRRIGALISVARDTGMDDYIETGIPLNAKISSQLLINIFIPNTPLHDGAVI
IKGNEIASAASYLPLSDSPFLSKELGTRHRAALGISEVTDSITIVVSEETGGISLTKGGELFRDVSEEELHKILLKELVT
VTAKKPSIFSKWKGGKSE
;
_entity_poly.pdbx_strand_id   A,B
#
loop_
_chem_comp.id
_chem_comp.type
_chem_comp.name
_chem_comp.formula
G3Y non-polymer (1~{R},2~{S},3~{S},4~{R},5~{S})-2-azanyl-4-phenylsulfanyl-6,8-dioxabicyclo[3.2.1]octan-3-ol 'C12 H15 N O3 S'
#
# COMPACT_ATOMS: atom_id res chain seq x y z
N TYR A 6 -13.93 -0.95 24.28
CA TYR A 6 -13.13 -2.15 24.07
C TYR A 6 -13.79 -3.08 23.04
N GLY A 7 -14.86 -3.76 23.45
CA GLY A 7 -15.63 -4.56 22.50
C GLY A 7 -16.41 -3.74 21.49
N SER A 8 -16.70 -2.48 21.81
CA SER A 8 -17.41 -1.59 20.89
C SER A 8 -16.49 -1.08 19.78
N ARG A 9 -15.24 -0.74 20.13
CA ARG A 9 -14.26 -0.38 19.12
C ARG A 9 -14.04 -1.53 18.13
N ILE A 10 -14.08 -2.78 18.61
CA ILE A 10 -13.90 -3.93 17.73
C ILE A 10 -15.00 -3.98 16.68
N GLU A 11 -16.24 -3.75 17.08
CA GLU A 11 -17.35 -3.82 16.12
C GLU A 11 -17.16 -2.82 15.00
N ARG A 12 -16.74 -1.58 15.32
CA ARG A 12 -16.43 -0.59 14.30
C ARG A 12 -15.33 -1.08 13.37
N GLU A 13 -14.29 -1.68 13.92
CA GLU A 13 -13.21 -2.20 13.09
C GLU A 13 -13.69 -3.33 12.17
N GLN A 14 -14.56 -4.20 12.68
CA GLN A 14 -15.00 -5.32 11.86
C GLN A 14 -15.88 -4.85 10.71
N HIS A 15 -16.73 -3.84 10.96
CA HIS A 15 -17.57 -3.33 9.89
C HIS A 15 -16.75 -2.58 8.86
N HIS A 16 -15.71 -1.87 9.32
CA HIS A 16 -14.79 -1.23 8.39
C HIS A 16 -14.05 -2.25 7.53
N LEU A 17 -13.61 -3.35 8.14
CA LEU A 17 -13.01 -4.47 7.39
C LEU A 17 -13.97 -4.98 6.31
N ILE A 18 -15.23 -5.28 6.69
CA ILE A 18 -16.21 -5.73 5.70
C ILE A 18 -16.38 -4.70 4.59
N GLU A 19 -16.62 -3.43 4.94
CA GLU A 19 -16.80 -2.40 3.93
C GLU A 19 -15.58 -2.31 3.02
N SER A 20 -14.36 -2.37 3.60
CA SER A 20 -13.14 -2.31 2.82
C SER A 20 -13.05 -3.47 1.83
N ILE A 21 -13.37 -4.68 2.28
CA ILE A 21 -13.45 -5.82 1.37
C ILE A 21 -14.52 -5.59 0.31
N GLU A 22 -15.69 -5.10 0.71
CA GLU A 22 -16.76 -5.01 -0.28
C GLU A 22 -16.40 -3.99 -1.36
N LYS A 23 -15.91 -2.81 -0.93
CA LYS A 23 -15.59 -1.76 -1.89
C LYS A 23 -14.44 -2.16 -2.79
N SER A 24 -13.40 -2.77 -2.23
CA SER A 24 -12.23 -3.06 -3.05
C SER A 24 -12.53 -4.18 -4.03
N THR A 25 -13.27 -5.21 -3.60
CA THR A 25 -13.54 -6.26 -4.56
C THR A 25 -14.54 -5.79 -5.61
N GLN A 26 -15.46 -4.90 -5.26
CA GLN A 26 -16.34 -4.40 -6.31
C GLN A 26 -15.55 -3.61 -7.35
N TYR A 27 -14.59 -2.78 -6.91
CA TYR A 27 -13.72 -2.06 -7.84
C TYR A 27 -12.95 -3.03 -8.71
N MET A 28 -12.35 -4.03 -8.11
CA MET A 28 -11.53 -4.98 -8.87
C MET A 28 -12.39 -5.86 -9.77
N ALA A 29 -13.57 -6.26 -9.31
CA ALA A 29 -14.43 -7.11 -10.15
C ALA A 29 -14.81 -6.41 -11.45
N LYS A 30 -15.19 -5.13 -11.36
CA LYS A 30 -15.58 -4.36 -12.54
C LYS A 30 -14.46 -4.28 -13.57
N ARG A 31 -13.21 -4.25 -13.11
CA ARG A 31 -12.06 -4.12 -13.99
C ARG A 31 -11.36 -5.45 -14.22
N ARG A 32 -11.92 -6.55 -13.70
CA ARG A 32 -11.37 -7.89 -13.86
C ARG A 32 -9.91 -7.92 -13.39
N ILE A 33 -9.67 -7.32 -12.23
CA ILE A 33 -8.37 -7.42 -11.57
C ILE A 33 -8.44 -8.61 -10.61
N GLY A 34 -7.56 -9.59 -10.78
CA GLY A 34 -7.56 -10.73 -9.88
C GLY A 34 -7.12 -10.35 -8.48
N ALA A 35 -7.74 -10.99 -7.48
CA ALA A 35 -7.42 -10.67 -6.10
C ALA A 35 -7.63 -11.89 -5.23
N LEU A 36 -6.93 -11.89 -4.10
CA LEU A 36 -6.93 -13.02 -3.17
C LEU A 36 -6.68 -12.43 -1.78
N ILE A 37 -7.70 -12.45 -0.94
CA ILE A 37 -7.68 -11.80 0.36
C ILE A 37 -8.10 -12.81 1.40
N SER A 38 -7.20 -13.15 2.31
CA SER A 38 -7.51 -14.11 3.36
C SER A 38 -7.50 -13.43 4.72
N VAL A 39 -8.59 -13.59 5.46
CA VAL A 39 -8.78 -12.99 6.78
C VAL A 39 -8.60 -14.08 7.82
N ALA A 40 -7.56 -13.94 8.64
CA ALA A 40 -7.29 -14.90 9.70
C ALA A 40 -8.36 -14.79 10.78
N ARG A 41 -8.71 -15.95 11.36
CA ARG A 41 -9.59 -15.91 12.52
C ARG A 41 -8.90 -16.67 13.65
N ASP A 42 -9.57 -17.68 14.24
CA ASP A 42 -8.98 -18.35 15.40
C ASP A 42 -7.69 -19.09 15.05
N THR A 43 -7.63 -19.72 13.86
CA THR A 43 -6.43 -20.43 13.43
C THR A 43 -5.38 -19.43 12.95
N GLY A 44 -4.23 -19.40 13.61
CA GLY A 44 -3.16 -18.52 13.17
C GLY A 44 -2.78 -18.79 11.73
N MET A 45 -2.35 -17.72 11.04
CA MET A 45 -1.78 -17.80 9.70
C MET A 45 -0.41 -17.16 9.64
N ASP A 46 0.27 -17.08 10.77
CA ASP A 46 1.59 -16.46 10.81
C ASP A 46 2.55 -17.15 9.85
N ASP A 47 2.42 -18.47 9.70
CA ASP A 47 3.35 -19.20 8.85
C ASP A 47 3.19 -18.79 7.38
N TYR A 48 2.03 -18.28 6.98
CA TYR A 48 1.85 -17.82 5.61
C TYR A 48 2.11 -16.32 5.48
N ILE A 49 1.83 -15.56 6.53
CA ILE A 49 2.20 -14.15 6.55
C ILE A 49 3.69 -14.01 6.30
N GLU A 50 4.49 -14.92 6.85
CA GLU A 50 5.94 -14.89 6.73
C GLU A 50 6.41 -15.01 5.29
N THR A 51 5.61 -15.60 4.41
CA THR A 51 5.99 -15.78 3.02
C THR A 51 5.79 -14.52 2.19
N GLY A 52 5.07 -13.53 2.72
CA GLY A 52 4.71 -12.36 1.96
C GLY A 52 5.61 -11.19 2.28
N ILE A 53 5.26 -10.05 1.69
CA ILE A 53 5.95 -8.79 1.95
C ILE A 53 5.23 -8.11 3.11
N PRO A 54 5.91 -7.83 4.22
CA PRO A 54 5.20 -7.29 5.39
C PRO A 54 4.74 -5.86 5.15
N LEU A 55 3.46 -5.59 5.43
CA LEU A 55 2.90 -4.24 5.38
C LEU A 55 2.50 -3.72 6.74
N ASN A 56 1.87 -4.54 7.57
CA ASN A 56 1.40 -4.15 8.89
C ASN A 56 0.61 -2.85 8.83
N ALA A 57 -0.30 -2.76 7.84
CA ALA A 57 -0.90 -1.48 7.48
C ALA A 57 -2.34 -1.40 7.92
N LYS A 58 -2.82 -0.18 8.14
CA LYS A 58 -4.23 0.05 8.36
C LYS A 58 -5.03 -0.52 7.19
N ILE A 59 -6.21 -1.08 7.50
CA ILE A 59 -7.08 -1.62 6.46
C ILE A 59 -7.79 -0.48 5.76
N SER A 60 -7.77 -0.49 4.43
CA SER A 60 -8.62 0.43 3.70
C SER A 60 -8.94 -0.18 2.35
N SER A 61 -10.08 0.21 1.76
CA SER A 61 -10.38 -0.25 0.41
C SER A 61 -9.33 0.25 -0.57
N GLN A 62 -8.83 1.49 -0.39
CA GLN A 62 -7.84 2.03 -1.30
C GLN A 62 -6.55 1.23 -1.29
N LEU A 63 -6.05 0.88 -0.11
CA LEU A 63 -4.80 0.12 -0.07
C LEU A 63 -5.00 -1.27 -0.67
N LEU A 64 -6.13 -1.91 -0.37
CA LEU A 64 -6.38 -3.21 -0.98
C LEU A 64 -6.35 -3.10 -2.51
N ILE A 65 -6.99 -2.07 -3.07
CA ILE A 65 -7.01 -1.92 -4.52
C ILE A 65 -5.59 -1.72 -5.06
N ASN A 66 -4.83 -0.79 -4.46
CA ASN A 66 -3.48 -0.56 -4.94
C ASN A 66 -2.60 -1.80 -4.85
N ILE A 67 -2.80 -2.66 -3.84
CA ILE A 67 -1.97 -3.88 -3.75
C ILE A 67 -2.11 -4.73 -5.01
N PHE A 68 -3.35 -4.92 -5.50
CA PHE A 68 -3.59 -5.95 -6.51
C PHE A 68 -3.42 -5.47 -7.93
N ILE A 69 -3.06 -4.21 -8.16
CA ILE A 69 -2.85 -3.71 -9.52
C ILE A 69 -1.86 -4.65 -10.23
N PRO A 70 -2.17 -5.12 -11.44
CA PRO A 70 -1.33 -6.14 -12.05
C PRO A 70 0.07 -5.64 -12.33
N ASN A 71 1.03 -6.58 -12.30
CA ASN A 71 2.42 -6.33 -12.66
C ASN A 71 3.09 -5.29 -11.74
N THR A 72 2.66 -5.24 -10.50
CA THR A 72 3.27 -4.37 -9.49
C THR A 72 4.00 -5.22 -8.45
N PRO A 73 4.86 -4.60 -7.65
CA PRO A 73 5.61 -5.38 -6.66
C PRO A 73 4.75 -6.17 -5.66
N LEU A 74 3.52 -5.75 -5.34
CA LEU A 74 2.78 -6.41 -4.27
C LEU A 74 1.68 -7.35 -4.72
N HIS A 75 1.43 -7.50 -6.02
CA HIS A 75 0.19 -8.14 -6.45
C HIS A 75 0.29 -9.64 -6.50
N ASP A 76 1.49 -10.21 -6.55
CA ASP A 76 1.63 -11.60 -6.99
C ASP A 76 1.50 -12.54 -5.78
N GLY A 77 0.26 -12.68 -5.33
CA GLY A 77 -0.09 -13.59 -4.26
C GLY A 77 -1.25 -13.06 -3.46
N ALA A 78 -1.35 -13.54 -2.22
CA ALA A 78 -2.47 -13.19 -1.34
C ALA A 78 -2.14 -12.05 -0.37
N VAL A 79 -3.13 -11.22 -0.13
CA VAL A 79 -3.17 -10.38 1.06
C VAL A 79 -3.66 -11.22 2.23
N ILE A 80 -3.00 -11.09 3.39
CA ILE A 80 -3.49 -11.72 4.62
C ILE A 80 -3.79 -10.62 5.62
N ILE A 81 -5.02 -10.63 6.15
CA ILE A 81 -5.45 -9.67 7.16
C ILE A 81 -5.46 -10.36 8.50
N LYS A 82 -4.89 -9.71 9.50
CA LYS A 82 -4.71 -10.29 10.82
C LYS A 82 -5.03 -9.22 11.85
N GLY A 83 -6.06 -9.49 12.63
CA GLY A 83 -6.60 -8.50 13.53
C GLY A 83 -7.09 -7.33 12.72
N ASN A 84 -6.55 -6.16 13.02
N ASN A 84 -6.59 -6.14 13.05
CA ASN A 84 -6.99 -4.93 12.40
CA ASN A 84 -7.01 -4.92 12.39
C ASN A 84 -5.95 -4.40 11.42
C ASN A 84 -5.95 -4.38 11.43
N GLU A 85 -5.12 -5.28 10.86
CA GLU A 85 -4.10 -4.86 9.93
C GLU A 85 -4.10 -5.70 8.66
N ILE A 86 -3.68 -5.07 7.56
CA ILE A 86 -3.18 -5.84 6.43
C ILE A 86 -1.77 -6.30 6.78
N ALA A 87 -1.62 -7.60 7.09
CA ALA A 87 -0.34 -8.07 7.61
C ALA A 87 0.70 -8.16 6.49
N SER A 88 0.32 -8.78 5.38
CA SER A 88 1.29 -9.02 4.31
C SER A 88 0.57 -9.04 2.99
N ALA A 89 1.34 -8.80 1.93
CA ALA A 89 0.84 -8.92 0.57
C ALA A 89 1.77 -9.89 -0.15
N ALA A 90 1.33 -10.36 -1.32
CA ALA A 90 2.11 -11.28 -2.13
C ALA A 90 2.49 -12.53 -1.34
N SER A 91 1.57 -13.01 -0.50
CA SER A 91 1.84 -14.18 0.33
C SER A 91 1.40 -15.45 -0.36
N TYR A 92 2.08 -16.53 -0.02
CA TYR A 92 1.68 -17.87 -0.44
C TYR A 92 0.50 -18.37 0.34
N LEU A 93 -0.37 -19.15 -0.34
CA LEU A 93 -1.40 -19.97 0.31
C LEU A 93 -1.32 -21.37 -0.27
N PRO A 94 -1.50 -22.40 0.54
CA PRO A 94 -1.35 -23.77 0.03
C PRO A 94 -2.47 -24.12 -0.96
N LEU A 95 -2.12 -24.86 -2.01
CA LEU A 95 -3.10 -25.21 -3.02
C LEU A 95 -3.83 -26.48 -2.60
N SER A 96 -5.16 -26.44 -2.66
CA SER A 96 -5.95 -27.64 -2.43
C SER A 96 -5.58 -28.68 -3.47
N ASP A 97 -5.59 -29.95 -3.05
CA ASP A 97 -5.48 -31.08 -3.97
C ASP A 97 -6.84 -31.59 -4.44
N SER A 98 -7.94 -30.89 -4.10
CA SER A 98 -9.28 -31.38 -4.39
C SER A 98 -9.50 -31.51 -5.90
N PRO A 99 -9.93 -32.67 -6.38
CA PRO A 99 -10.38 -32.79 -7.78
C PRO A 99 -11.81 -32.30 -7.97
N PHE A 100 -12.48 -31.88 -6.90
CA PHE A 100 -13.85 -31.41 -7.00
C PHE A 100 -13.91 -29.97 -7.45
N LEU A 101 -12.81 -29.26 -7.37
CA LEU A 101 -12.77 -27.85 -7.74
C LEU A 101 -12.76 -27.76 -9.27
N SER A 102 -13.69 -26.99 -9.81
CA SER A 102 -13.89 -26.93 -11.26
C SER A 102 -12.61 -26.58 -11.97
N LYS A 103 -12.38 -27.23 -13.11
CA LYS A 103 -11.21 -26.91 -13.90
C LYS A 103 -11.30 -25.51 -14.51
N GLU A 104 -12.49 -24.91 -14.54
CA GLU A 104 -12.62 -23.55 -15.04
C GLU A 104 -12.00 -22.52 -14.09
N LEU A 105 -11.79 -22.87 -12.83
CA LEU A 105 -11.29 -21.92 -11.86
C LEU A 105 -9.76 -21.99 -11.78
N GLY A 106 -9.16 -20.86 -11.43
CA GLY A 106 -7.72 -20.69 -11.50
C GLY A 106 -7.00 -20.98 -10.20
N THR A 107 -5.72 -20.60 -10.20
CA THR A 107 -4.85 -20.79 -9.04
C THR A 107 -5.35 -20.02 -7.83
N ARG A 108 -5.87 -18.80 -8.01
CA ARG A 108 -6.38 -18.07 -6.86
C ARG A 108 -7.44 -18.90 -6.13
N HIS A 109 -8.34 -19.51 -6.88
CA HIS A 109 -9.40 -20.28 -6.26
C HIS A 109 -8.86 -21.52 -5.57
N ARG A 110 -7.90 -22.22 -6.20
CA ARG A 110 -7.30 -23.40 -5.58
C ARG A 110 -6.55 -23.03 -4.30
N ALA A 111 -5.86 -21.87 -4.29
CA ALA A 111 -5.19 -21.45 -3.07
C ALA A 111 -6.19 -21.03 -2.00
N ALA A 112 -7.26 -20.35 -2.39
CA ALA A 112 -8.25 -20.02 -1.38
C ALA A 112 -8.85 -21.29 -0.81
N LEU A 113 -9.09 -22.29 -1.66
CA LEU A 113 -9.69 -23.51 -1.15
C LEU A 113 -8.69 -24.22 -0.25
N GLY A 114 -7.42 -24.22 -0.65
CA GLY A 114 -6.37 -24.87 0.14
C GLY A 114 -6.25 -24.32 1.53
N ILE A 115 -6.17 -22.99 1.69
CA ILE A 115 -6.05 -22.45 3.05
C ILE A 115 -7.33 -22.72 3.85
N SER A 116 -8.49 -22.75 3.17
CA SER A 116 -9.73 -22.96 3.91
C SER A 116 -9.82 -24.38 4.43
N GLU A 117 -9.00 -25.29 3.91
CA GLU A 117 -9.06 -26.68 4.38
C GLU A 117 -8.23 -26.90 5.64
N VAL A 118 -7.29 -26.00 5.94
CA VAL A 118 -6.39 -26.18 7.08
C VAL A 118 -6.46 -25.05 8.10
N THR A 119 -7.32 -24.04 7.89
CA THR A 119 -7.56 -22.99 8.87
C THR A 119 -9.03 -22.66 8.88
N ASP A 120 -9.43 -21.85 9.86
CA ASP A 120 -10.77 -21.27 9.86
C ASP A 120 -10.82 -19.89 9.21
N SER A 121 -9.91 -19.60 8.29
N SER A 121 -9.87 -19.57 8.34
CA SER A 121 -9.85 -18.27 7.67
CA SER A 121 -9.90 -18.25 7.73
C SER A 121 -10.95 -18.11 6.63
C SER A 121 -11.08 -18.12 6.80
N ILE A 122 -11.39 -16.87 6.45
CA ILE A 122 -12.35 -16.51 5.40
C ILE A 122 -11.56 -15.91 4.25
N THR A 123 -11.66 -16.50 3.08
CA THR A 123 -10.88 -16.06 1.94
C THR A 123 -11.79 -15.66 0.80
N ILE A 124 -11.47 -14.51 0.20
CA ILE A 124 -12.26 -13.89 -0.86
C ILE A 124 -11.40 -13.88 -2.11
N VAL A 125 -11.97 -14.29 -3.23
CA VAL A 125 -11.28 -14.30 -4.52
C VAL A 125 -12.03 -13.39 -5.50
N VAL A 126 -11.28 -12.59 -6.25
CA VAL A 126 -11.82 -11.96 -7.46
C VAL A 126 -11.18 -12.64 -8.66
N SER A 127 -12.02 -13.15 -9.56
CA SER A 127 -11.50 -13.83 -10.75
C SER A 127 -11.07 -12.81 -11.80
N GLU A 128 -9.82 -12.92 -12.25
CA GLU A 128 -9.40 -12.06 -13.35
C GLU A 128 -10.01 -12.46 -14.68
N GLU A 129 -10.60 -13.66 -14.76
CA GLU A 129 -11.20 -14.11 -16.02
C GLU A 129 -12.61 -13.57 -16.18
N THR A 130 -13.40 -13.56 -15.10
CA THR A 130 -14.83 -13.29 -15.15
C THR A 130 -15.26 -12.11 -14.31
N GLY A 131 -14.41 -11.64 -13.40
CA GLY A 131 -14.82 -10.66 -12.42
C GLY A 131 -15.69 -11.21 -11.32
N GLY A 132 -16.05 -12.50 -11.38
CA GLY A 132 -16.85 -13.07 -10.33
C GLY A 132 -16.13 -13.11 -9.00
N ILE A 133 -16.87 -12.90 -7.94
CA ILE A 133 -16.31 -12.91 -6.60
C ILE A 133 -16.66 -14.24 -5.94
N SER A 134 -15.67 -14.91 -5.34
CA SER A 134 -15.95 -16.17 -4.65
C SER A 134 -15.38 -16.11 -3.25
N LEU A 135 -15.86 -17.01 -2.40
CA LEU A 135 -15.42 -17.09 -1.02
C LEU A 135 -15.13 -18.54 -0.65
N THR A 136 -14.09 -18.77 0.18
CA THR A 136 -13.88 -20.10 0.74
C THR A 136 -13.88 -20.06 2.26
N LYS A 137 -14.41 -21.13 2.84
CA LYS A 137 -14.50 -21.32 4.28
C LYS A 137 -14.65 -22.80 4.59
N GLY A 138 -13.80 -23.31 5.49
CA GLY A 138 -13.86 -24.71 5.94
C GLY A 138 -13.88 -25.74 4.85
N GLY A 139 -13.15 -25.51 3.77
CA GLY A 139 -13.10 -26.48 2.70
C GLY A 139 -14.19 -26.36 1.66
N GLU A 140 -15.06 -25.36 1.77
CA GLU A 140 -16.16 -25.15 0.84
C GLU A 140 -15.94 -23.90 0.02
N LEU A 141 -16.52 -23.90 -1.18
CA LEU A 141 -16.43 -22.77 -2.10
C LEU A 141 -17.81 -22.18 -2.31
N PHE A 142 -17.92 -20.88 -2.16
CA PHE A 142 -19.13 -20.14 -2.53
C PHE A 142 -18.75 -19.42 -3.82
N ARG A 143 -19.23 -19.91 -4.96
CA ARG A 143 -18.76 -19.43 -6.25
C ARG A 143 -19.66 -18.31 -6.79
N ASP A 144 -19.03 -17.22 -7.26
CA ASP A 144 -19.72 -16.16 -8.00
C ASP A 144 -20.89 -15.58 -7.20
N VAL A 145 -20.59 -15.11 -5.99
CA VAL A 145 -21.65 -14.64 -5.10
C VAL A 145 -22.09 -13.24 -5.50
N SER A 146 -23.35 -12.92 -5.21
CA SER A 146 -23.87 -11.59 -5.44
C SER A 146 -23.33 -10.64 -4.38
N GLU A 147 -23.53 -9.33 -4.59
CA GLU A 147 -23.13 -8.38 -3.58
C GLU A 147 -23.89 -8.61 -2.29
N GLU A 148 -25.18 -8.92 -2.40
CA GLU A 148 -25.98 -9.20 -1.21
C GLU A 148 -25.46 -10.43 -0.49
N GLU A 149 -25.11 -11.48 -1.23
CA GLU A 149 -24.64 -12.72 -0.61
C GLU A 149 -23.29 -12.50 0.04
N LEU A 150 -22.39 -11.80 -0.64
CA LEU A 150 -21.10 -11.51 -0.04
C LEU A 150 -21.28 -10.75 1.27
N HIS A 151 -22.19 -9.77 1.28
CA HIS A 151 -22.40 -8.97 2.47
C HIS A 151 -22.89 -9.81 3.64
N LYS A 152 -23.88 -10.69 3.40
CA LYS A 152 -24.43 -11.50 4.48
C LYS A 152 -23.37 -12.46 5.04
N ILE A 153 -22.58 -13.05 4.16
CA ILE A 153 -21.56 -13.98 4.63
C ILE A 153 -20.48 -13.23 5.41
N LEU A 154 -20.01 -12.09 4.90
CA LEU A 154 -18.99 -11.36 5.63
C LEU A 154 -19.52 -10.88 6.97
N LEU A 155 -20.80 -10.45 7.01
CA LEU A 155 -21.40 -10.07 8.28
C LEU A 155 -21.41 -11.23 9.25
N LYS A 156 -21.88 -12.39 8.79
CA LYS A 156 -22.00 -13.53 9.69
C LYS A 156 -20.63 -14.00 10.16
N GLU A 157 -19.64 -13.97 9.29
CA GLU A 157 -18.37 -14.62 9.61
C GLU A 157 -17.34 -13.67 10.23
N LEU A 158 -17.44 -12.36 9.98
CA LEU A 158 -16.41 -11.42 10.44
C LEU A 158 -16.85 -10.51 11.58
N VAL A 159 -18.14 -10.45 11.88
CA VAL A 159 -18.61 -9.60 12.95
C VAL A 159 -18.97 -10.50 14.13
N THR A 160 -18.17 -10.40 15.19
CA THR A 160 -18.22 -11.31 16.32
C THR A 160 -18.09 -10.56 17.64
N SER B 5 31.40 10.29 9.80
CA SER B 5 30.60 11.33 10.43
C SER B 5 29.14 10.88 10.49
N TYR B 6 28.47 10.84 9.34
CA TYR B 6 27.11 10.27 9.30
C TYR B 6 27.13 8.82 9.75
N GLY B 7 28.11 8.05 9.28
CA GLY B 7 28.17 6.63 9.60
C GLY B 7 28.30 6.35 11.08
N SER B 8 28.92 7.28 11.82
CA SER B 8 29.01 7.21 13.28
C SER B 8 27.65 7.34 13.96
N ARG B 9 26.62 7.79 13.24
CA ARG B 9 25.30 8.01 13.82
C ARG B 9 24.17 7.35 13.04
N ILE B 10 24.47 6.64 11.95
CA ILE B 10 23.41 5.98 11.19
C ILE B 10 22.88 4.80 12.00
N GLU B 11 21.57 4.64 12.02
N GLU B 11 21.57 4.65 12.02
CA GLU B 11 20.92 3.49 12.63
CA GLU B 11 20.88 3.52 12.63
C GLU B 11 20.35 2.60 11.56
C GLU B 11 20.37 2.58 11.54
N ARG B 12 19.99 1.37 11.94
CA ARG B 12 19.39 0.44 11.00
C ARG B 12 18.17 1.05 10.31
N GLU B 13 17.30 1.71 11.06
CA GLU B 13 16.10 2.25 10.45
C GLU B 13 16.42 3.32 9.43
N GLN B 14 17.48 4.10 9.66
CA GLN B 14 17.82 5.16 8.73
C GLN B 14 18.37 4.60 7.44
N HIS B 15 19.25 3.60 7.53
CA HIS B 15 19.70 2.91 6.33
C HIS B 15 18.52 2.35 5.54
N HIS B 16 17.56 1.74 6.24
CA HIS B 16 16.41 1.15 5.55
C HIS B 16 15.56 2.22 4.88
N LEU B 17 15.34 3.35 5.55
CA LEU B 17 14.53 4.42 4.97
C LEU B 17 15.17 4.95 3.70
N ILE B 18 16.49 5.21 3.76
CA ILE B 18 17.19 5.72 2.60
C ILE B 18 17.19 4.70 1.47
N GLU B 19 17.46 3.43 1.78
CA GLU B 19 17.45 2.42 0.72
C GLU B 19 16.07 2.35 0.07
N SER B 20 15.01 2.41 0.88
CA SER B 20 13.66 2.27 0.34
C SER B 20 13.30 3.45 -0.56
N ILE B 21 13.69 4.66 -0.17
CA ILE B 21 13.42 5.82 -1.02
C ILE B 21 14.24 5.72 -2.30
N GLU B 22 15.54 5.41 -2.17
CA GLU B 22 16.40 5.34 -3.35
C GLU B 22 15.92 4.27 -4.34
N LYS B 23 15.59 3.06 -3.84
CA LYS B 23 15.20 2.00 -4.75
C LYS B 23 13.85 2.29 -5.40
N SER B 24 12.89 2.81 -4.61
CA SER B 24 11.57 3.06 -5.17
C SER B 24 11.62 4.20 -6.19
N THR B 25 12.33 5.29 -5.87
CA THR B 25 12.37 6.38 -6.84
C THR B 25 13.15 6.00 -8.10
N GLN B 26 14.16 5.13 -7.98
CA GLN B 26 14.88 4.69 -9.16
C GLN B 26 13.95 3.92 -10.10
N TYR B 27 13.09 3.07 -9.54
CA TYR B 27 12.12 2.30 -10.32
C TYR B 27 11.10 3.21 -10.98
N MET B 28 10.62 4.21 -10.23
CA MET B 28 9.59 5.07 -10.78
C MET B 28 10.17 6.02 -11.82
N ALA B 29 11.41 6.47 -11.61
CA ALA B 29 12.06 7.38 -12.55
C ALA B 29 12.22 6.73 -13.91
N LYS B 30 12.68 5.46 -13.91
CA LYS B 30 12.88 4.74 -15.16
C LYS B 30 11.59 4.61 -15.93
N ARG B 31 10.45 4.65 -15.24
CA ARG B 31 9.16 4.40 -15.85
C ARG B 31 8.29 5.65 -15.95
N ARG B 32 8.83 6.82 -15.62
CA ARG B 32 8.08 8.07 -15.71
C ARG B 32 6.82 8.01 -14.85
N ILE B 33 6.94 7.42 -13.67
CA ILE B 33 5.85 7.35 -12.70
C ILE B 33 6.01 8.53 -11.74
N GLY B 34 5.01 9.42 -11.71
CA GLY B 34 5.10 10.56 -10.82
C GLY B 34 4.97 10.12 -9.37
N ALA B 35 5.77 10.75 -8.51
CA ALA B 35 5.79 10.37 -7.10
C ALA B 35 6.08 11.59 -6.25
N LEU B 36 5.61 11.54 -5.01
CA LEU B 36 5.76 12.69 -4.12
C LEU B 36 5.85 12.12 -2.71
N ILE B 37 7.05 12.11 -2.14
CA ILE B 37 7.31 11.48 -0.84
C ILE B 37 7.92 12.52 0.07
N SER B 38 7.25 12.81 1.19
CA SER B 38 7.68 13.84 2.12
C SER B 38 8.03 13.18 3.46
N VAL B 39 9.28 13.35 3.89
CA VAL B 39 9.75 12.75 5.14
C VAL B 39 9.73 13.80 6.23
N ALA B 40 8.96 13.56 7.29
CA ALA B 40 8.88 14.51 8.38
C ALA B 40 10.16 14.48 9.20
N ARG B 41 10.57 15.67 9.69
CA ARG B 41 11.74 15.78 10.55
C ARG B 41 11.29 16.33 11.88
N ASP B 42 11.86 17.45 12.35
CA ASP B 42 11.45 17.98 13.66
C ASP B 42 10.05 18.62 13.61
N THR B 43 9.67 19.21 12.48
CA THR B 43 8.35 19.85 12.37
C THR B 43 7.27 18.79 12.21
N GLY B 44 6.27 18.83 13.09
CA GLY B 44 5.15 17.92 12.95
C GLY B 44 4.47 18.12 11.63
N MET B 45 3.94 17.03 11.07
CA MET B 45 3.16 17.12 9.83
C MET B 45 1.79 16.47 9.98
N ASP B 46 1.25 16.47 11.20
CA ASP B 46 0.02 15.71 11.48
C ASP B 46 -1.16 16.21 10.67
N ASP B 47 -1.31 17.53 10.53
CA ASP B 47 -2.46 18.04 9.79
C ASP B 47 -2.43 17.58 8.34
N TYR B 48 -1.23 17.44 7.76
CA TYR B 48 -1.11 16.95 6.40
C TYR B 48 -1.32 15.45 6.32
N ILE B 49 -0.81 14.71 7.31
CA ILE B 49 -1.09 13.27 7.35
C ILE B 49 -2.58 13.03 7.39
N GLU B 50 -3.30 13.81 8.20
CA GLU B 50 -4.73 13.61 8.37
C GLU B 50 -5.51 13.85 7.07
N THR B 51 -4.96 14.59 6.11
CA THR B 51 -5.72 14.83 4.89
C THR B 51 -5.71 13.63 3.96
N GLY B 52 -4.84 12.66 4.20
CA GLY B 52 -4.64 11.56 3.29
C GLY B 52 -5.45 10.32 3.69
N ILE B 53 -5.13 9.22 3.03
CA ILE B 53 -5.60 7.90 3.45
C ILE B 53 -4.60 7.32 4.44
N PRO B 54 -5.02 6.99 5.67
CA PRO B 54 -4.05 6.47 6.66
C PRO B 54 -3.56 5.08 6.28
N LEU B 55 -2.24 4.89 6.37
CA LEU B 55 -1.67 3.55 6.19
C LEU B 55 -0.95 3.04 7.42
N ASN B 56 -0.18 3.90 8.08
CA ASN B 56 0.62 3.51 9.23
C ASN B 56 1.41 2.24 8.94
N ALA B 57 2.04 2.19 7.78
CA ALA B 57 2.58 0.95 7.25
C ALA B 57 4.10 0.83 7.41
N LYS B 58 4.59 -0.43 7.40
CA LYS B 58 6.03 -0.67 7.31
C LYS B 58 6.58 -0.02 6.05
N ILE B 59 7.71 0.69 6.17
CA ILE B 59 8.34 1.27 4.99
C ILE B 59 8.99 0.17 4.16
N SER B 60 8.74 0.18 2.85
CA SER B 60 9.42 -0.70 1.91
C SER B 60 9.42 -0.05 0.55
N SER B 61 10.41 -0.40 -0.28
CA SER B 61 10.40 0.06 -1.66
C SER B 61 9.18 -0.47 -2.40
N GLN B 62 8.76 -1.70 -2.08
CA GLN B 62 7.63 -2.29 -2.80
C GLN B 62 6.34 -1.54 -2.55
N LEU B 63 6.07 -1.18 -1.30
CA LEU B 63 4.84 -0.46 -1.01
C LEU B 63 4.88 0.95 -1.61
N LEU B 64 6.02 1.62 -1.50
CA LEU B 64 6.13 2.94 -2.12
C LEU B 64 5.84 2.86 -3.62
N ILE B 65 6.38 1.85 -4.30
CA ILE B 65 6.12 1.70 -5.74
C ILE B 65 4.63 1.48 -6.00
N ASN B 66 4.00 0.57 -5.25
CA ASN B 66 2.59 0.25 -5.50
C ASN B 66 1.67 1.43 -5.24
N ILE B 67 2.03 2.29 -4.28
CA ILE B 67 1.24 3.50 -3.99
C ILE B 67 1.10 4.39 -5.23
N PHE B 68 2.18 4.60 -5.95
CA PHE B 68 2.20 5.64 -6.99
C PHE B 68 1.88 5.10 -8.37
N ILE B 69 1.43 3.87 -8.50
CA ILE B 69 1.02 3.42 -9.85
C ILE B 69 -0.06 4.35 -10.37
N PRO B 70 0.02 4.79 -11.62
CA PRO B 70 -0.95 5.78 -12.14
C PRO B 70 -2.38 5.26 -12.16
N ASN B 71 -3.31 6.18 -11.92
CA ASN B 71 -4.74 5.93 -12.02
C ASN B 71 -5.24 4.96 -10.95
N THR B 72 -4.58 4.95 -9.80
CA THR B 72 -4.98 4.12 -8.67
C THR B 72 -5.47 5.01 -7.52
N PRO B 73 -6.23 4.44 -6.59
CA PRO B 73 -6.75 5.25 -5.48
C PRO B 73 -5.70 5.97 -4.66
N LEU B 74 -4.49 5.41 -4.52
CA LEU B 74 -3.51 6.01 -3.63
C LEU B 74 -2.52 6.95 -4.33
N HIS B 75 -2.53 7.06 -5.66
CA HIS B 75 -1.38 7.71 -6.31
C HIS B 75 -1.44 9.24 -6.32
N ASP B 76 -2.62 9.85 -6.18
CA ASP B 76 -2.80 11.28 -6.49
C ASP B 76 -2.65 12.11 -5.21
N GLY B 77 -1.40 12.41 -4.88
CA GLY B 77 -1.08 13.23 -3.72
C GLY B 77 0.23 12.76 -3.12
N ALA B 78 0.47 13.12 -1.86
CA ALA B 78 1.74 12.84 -1.19
C ALA B 78 1.69 11.63 -0.26
N VAL B 79 2.75 10.84 -0.30
CA VAL B 79 3.13 9.96 0.80
C VAL B 79 3.89 10.75 1.86
N ILE B 80 3.52 10.57 3.12
CA ILE B 80 4.17 11.22 4.24
C ILE B 80 4.77 10.12 5.09
N ILE B 81 6.06 10.21 5.35
CA ILE B 81 6.77 9.24 6.18
C ILE B 81 7.04 9.90 7.51
N LYS B 82 6.56 9.27 8.59
CA LYS B 82 6.69 9.83 9.93
C LYS B 82 7.26 8.77 10.86
N GLY B 83 8.40 9.07 11.44
CA GLY B 83 9.12 8.08 12.22
C GLY B 83 9.50 6.91 11.33
N ASN B 84 9.02 5.75 11.67
CA ASN B 84 9.43 4.57 10.93
C ASN B 84 8.26 3.95 10.20
N GLU B 85 7.29 4.77 9.79
CA GLU B 85 6.13 4.26 9.08
C GLU B 85 5.84 5.15 7.88
N ILE B 86 5.27 4.53 6.86
CA ILE B 86 4.51 5.32 5.89
C ILE B 86 3.18 5.68 6.54
N ALA B 87 3.03 6.96 6.90
CA ALA B 87 1.90 7.39 7.70
C ALA B 87 0.63 7.44 6.88
N SER B 88 0.71 8.03 5.68
CA SER B 88 -0.47 8.24 4.85
C SER B 88 -0.01 8.30 3.40
N ALA B 89 -0.96 8.13 2.50
CA ALA B 89 -0.80 8.33 1.06
C ALA B 89 -1.93 9.25 0.60
N ALA B 90 -1.81 9.78 -0.62
CA ALA B 90 -2.81 10.69 -1.18
C ALA B 90 -3.08 11.88 -0.25
N SER B 91 -2.03 12.39 0.38
CA SER B 91 -2.13 13.54 1.27
C SER B 91 -1.98 14.85 0.51
N TYR B 92 -2.61 15.90 1.05
CA TYR B 92 -2.54 17.24 0.48
C TYR B 92 -1.35 17.97 1.08
N LEU B 93 -0.52 18.50 0.23
CA LEU B 93 0.50 19.43 0.69
C LEU B 93 0.18 20.82 0.18
N PRO B 94 0.53 21.88 0.93
CA PRO B 94 0.30 23.24 0.43
C PRO B 94 1.08 23.50 -0.86
N LEU B 95 0.48 24.29 -1.75
CA LEU B 95 1.12 24.63 -3.01
C LEU B 95 1.90 25.94 -2.87
N SER B 96 3.16 25.93 -3.30
CA SER B 96 3.94 27.15 -3.26
C SER B 96 3.42 28.14 -4.30
N ASP B 97 3.39 29.41 -3.95
CA ASP B 97 3.15 30.45 -4.93
C ASP B 97 4.46 30.98 -5.56
N SER B 98 5.57 30.28 -5.36
CA SER B 98 6.85 30.79 -5.82
C SER B 98 6.82 31.06 -7.32
N PRO B 99 7.23 32.25 -7.77
CA PRO B 99 7.36 32.49 -9.21
C PRO B 99 8.66 31.99 -9.80
N PHE B 100 9.56 31.47 -8.97
CA PHE B 100 10.87 31.04 -9.43
C PHE B 100 10.88 29.59 -9.87
N LEU B 101 9.86 28.85 -9.49
CA LEU B 101 9.74 27.45 -9.90
C LEU B 101 9.54 27.38 -11.41
N SER B 102 10.36 26.57 -12.08
CA SER B 102 10.33 26.49 -13.53
C SER B 102 8.92 26.18 -14.01
N LYS B 103 8.48 26.91 -15.05
CA LYS B 103 7.11 26.74 -15.52
C LYS B 103 6.82 25.32 -16.00
N GLU B 104 7.85 24.57 -16.38
CA GLU B 104 7.66 23.21 -16.86
C GLU B 104 7.48 22.21 -15.74
N LEU B 105 7.61 22.62 -14.48
CA LEU B 105 7.35 21.73 -13.36
C LEU B 105 5.89 21.85 -12.94
N GLY B 106 5.28 20.70 -12.68
CA GLY B 106 3.87 20.62 -12.41
C GLY B 106 3.52 20.61 -10.95
N THR B 107 2.35 20.06 -10.66
CA THR B 107 1.72 20.23 -9.36
C THR B 107 2.49 19.52 -8.27
N ARG B 108 3.05 18.34 -8.56
CA ARG B 108 3.84 17.63 -7.57
C ARG B 108 4.99 18.50 -7.04
N HIS B 109 5.69 19.18 -7.95
CA HIS B 109 6.83 19.98 -7.52
C HIS B 109 6.39 21.17 -6.69
N ARG B 110 5.26 21.78 -7.06
CA ARG B 110 4.78 22.94 -6.34
C ARG B 110 4.29 22.55 -4.96
N ALA B 111 3.71 21.35 -4.82
CA ALA B 111 3.38 20.83 -3.51
C ALA B 111 4.64 20.52 -2.70
N ALA B 112 5.66 19.94 -3.33
CA ALA B 112 6.89 19.65 -2.59
C ALA B 112 7.52 20.95 -2.13
N LEU B 113 7.49 21.97 -2.99
CA LEU B 113 8.08 23.26 -2.59
C LEU B 113 7.27 23.86 -1.45
N GLY B 114 5.95 23.77 -1.54
CA GLY B 114 5.10 24.36 -0.54
C GLY B 114 5.28 23.78 0.84
N ILE B 115 5.40 22.44 0.94
CA ILE B 115 5.56 21.87 2.27
C ILE B 115 6.91 22.25 2.82
N SER B 116 7.91 22.37 1.96
CA SER B 116 9.25 22.75 2.41
C SER B 116 9.29 24.18 2.93
N GLU B 117 8.34 25.04 2.55
CA GLU B 117 8.34 26.42 3.01
C GLU B 117 7.80 26.56 4.44
N VAL B 118 7.02 25.58 4.91
CA VAL B 118 6.38 25.69 6.20
C VAL B 118 6.75 24.55 7.14
N THR B 119 7.67 23.67 6.74
CA THR B 119 8.18 22.63 7.61
C THR B 119 9.65 22.42 7.29
N ASP B 120 10.34 21.69 8.16
CA ASP B 120 11.70 21.25 7.88
C ASP B 120 11.76 19.85 7.25
N SER B 121 10.69 19.43 6.59
CA SER B 121 10.72 18.10 6.02
C SER B 121 11.55 18.10 4.75
N ILE B 122 12.00 16.91 4.35
N ILE B 122 12.02 16.91 4.36
CA ILE B 122 12.70 16.71 3.08
CA ILE B 122 12.67 16.69 3.07
C ILE B 122 11.77 15.94 2.15
C ILE B 122 11.69 15.97 2.17
N THR B 123 11.55 16.45 0.96
CA THR B 123 10.55 15.91 0.06
C THR B 123 11.21 15.53 -1.24
N ILE B 124 10.86 14.36 -1.73
CA ILE B 124 11.41 13.82 -2.95
C ILE B 124 10.28 13.76 -3.98
N VAL B 125 10.57 14.16 -5.21
CA VAL B 125 9.60 14.17 -6.29
C VAL B 125 10.19 13.42 -7.46
N VAL B 126 9.38 12.59 -8.12
CA VAL B 126 9.71 12.01 -9.41
C VAL B 126 8.77 12.63 -10.44
N SER B 127 9.33 13.17 -11.52
CA SER B 127 8.54 13.81 -12.56
C SER B 127 7.90 12.78 -13.47
N GLU B 128 6.57 12.83 -13.62
CA GLU B 128 5.96 11.91 -14.57
C GLU B 128 6.24 12.30 -16.01
N GLU B 129 6.80 13.48 -16.27
CA GLU B 129 7.07 13.89 -17.64
C GLU B 129 8.45 13.42 -18.10
N THR B 130 9.47 13.65 -17.27
CA THR B 130 10.85 13.42 -17.60
C THR B 130 11.48 12.24 -16.87
N GLY B 131 10.90 11.82 -15.75
CA GLY B 131 11.55 10.86 -14.89
C GLY B 131 12.62 11.45 -14.00
N GLY B 132 12.89 12.75 -14.11
CA GLY B 132 13.87 13.38 -13.25
C GLY B 132 13.42 13.41 -11.81
N ILE B 133 14.39 13.29 -10.92
CA ILE B 133 14.14 13.25 -9.49
C ILE B 133 14.53 14.59 -8.91
N SER B 134 13.68 15.16 -8.07
CA SER B 134 13.96 16.48 -7.48
C SER B 134 13.75 16.41 -5.97
N LEU B 135 14.34 17.37 -5.26
CA LEU B 135 14.27 17.44 -3.82
C LEU B 135 13.85 18.84 -3.40
N THR B 136 13.09 18.94 -2.31
CA THR B 136 12.83 20.25 -1.74
C THR B 136 13.18 20.27 -0.27
N LYS B 137 13.68 21.43 0.19
CA LYS B 137 14.06 21.65 1.57
C LYS B 137 14.16 23.15 1.81
N GLY B 138 13.60 23.61 2.92
CA GLY B 138 13.75 25.02 3.31
C GLY B 138 13.35 26.01 2.24
N GLY B 139 12.30 25.70 1.49
CA GLY B 139 11.77 26.65 0.53
C GLY B 139 12.48 26.69 -0.80
N GLU B 140 13.34 25.72 -1.08
CA GLU B 140 14.12 25.66 -2.32
C GLU B 140 13.95 24.30 -2.96
N LEU B 141 14.19 24.25 -4.27
CA LEU B 141 14.11 22.97 -5.01
C LEU B 141 15.47 22.70 -5.67
N PHE B 142 15.91 21.44 -5.61
CA PHE B 142 17.07 20.93 -6.33
C PHE B 142 16.52 19.99 -7.42
N ARG B 143 16.69 20.37 -8.68
CA ARG B 143 16.01 19.71 -9.79
C ARG B 143 16.90 18.67 -10.48
N ASP B 144 16.32 17.52 -10.83
CA ASP B 144 16.96 16.54 -11.71
C ASP B 144 18.31 16.06 -11.15
N VAL B 145 18.26 15.49 -9.94
CA VAL B 145 19.48 15.08 -9.22
C VAL B 145 19.98 13.74 -9.74
N SER B 146 21.30 13.55 -9.72
CA SER B 146 21.86 12.24 -9.99
C SER B 146 21.64 11.30 -8.80
N GLU B 147 21.83 10.01 -9.05
CA GLU B 147 21.74 9.04 -7.95
C GLU B 147 22.74 9.37 -6.85
N GLU B 148 23.94 9.81 -7.23
CA GLU B 148 24.95 10.17 -6.25
C GLU B 148 24.55 11.40 -5.45
N GLU B 149 23.96 12.38 -6.12
CA GLU B 149 23.52 13.58 -5.43
C GLU B 149 22.37 13.27 -4.47
N LEU B 150 21.40 12.48 -4.93
CA LEU B 150 20.29 12.09 -4.06
C LEU B 150 20.81 11.43 -2.79
N HIS B 151 21.76 10.51 -2.94
CA HIS B 151 22.28 9.77 -1.81
C HIS B 151 22.96 10.69 -0.82
N LYS B 152 23.84 11.57 -1.31
CA LYS B 152 24.51 12.53 -0.44
C LYS B 152 23.51 13.38 0.34
N ILE B 153 22.46 13.88 -0.32
CA ILE B 153 21.50 14.74 0.37
C ILE B 153 20.65 13.95 1.36
N LEU B 154 20.18 12.76 1.00
CA LEU B 154 19.42 11.98 1.97
C LEU B 154 20.27 11.62 3.17
N LEU B 155 21.54 11.28 2.95
CA LEU B 155 22.40 11.06 4.11
C LEU B 155 22.47 12.32 4.97
N LYS B 156 22.77 13.46 4.34
CA LYS B 156 22.90 14.69 5.10
C LYS B 156 21.63 15.01 5.88
N GLU B 157 20.48 14.84 5.25
CA GLU B 157 19.26 15.37 5.85
C GLU B 157 18.51 14.36 6.71
N LEU B 158 18.64 13.05 6.44
CA LEU B 158 17.88 12.07 7.20
C LEU B 158 18.67 11.39 8.31
N VAL B 159 20.00 11.56 8.35
CA VAL B 159 20.80 10.98 9.43
C VAL B 159 21.02 12.01 10.53
C4 G3Y C . 23.64 2.89 1.50
C5 G3Y C . 24.43 3.64 2.35
C6 G3Y C . 22.51 0.93 -0.41
C7 G3Y C . 22.82 1.75 -1.66
C8 G3Y C . 21.86 1.52 -2.82
C9 G3Y C . 21.39 0.07 -2.89
C10 G3Y C . 20.18 -0.14 -2.02
C11 G3Y C . 22.10 -0.53 -0.85
O2 G3Y C . 24.13 1.39 -2.09
N G3Y C . 20.68 2.44 -2.66
O1 G3Y C . 22.35 -0.79 -2.23
O G3Y C . 20.71 -0.41 -0.73
S G3Y C . 21.28 1.76 0.68
C3 G3Y C . 22.27 2.83 1.68
C2 G3Y C . 21.69 3.56 2.72
C1 G3Y C . 22.49 4.31 3.58
C G3Y C . 23.85 4.35 3.39
#